data_4IO5
#
_entry.id   4IO5
#
_cell.length_a   55.428
_cell.length_b   100.691
_cell.length_c   56.655
_cell.angle_alpha   90.00
_cell.angle_beta   116.44
_cell.angle_gamma   90.00
#
_symmetry.space_group_name_H-M   'P 1 21 1'
#
loop_
_entity.id
_entity.type
_entity.pdbx_description
1 polymer 'AvGluR1 ligand binding domain'
2 non-polymer ALANINE
3 non-polymer 'CHLORIDE ION'
4 water water
#
_entity_poly.entity_id   1
_entity_poly.type   'polypeptide(L)'
_entity_poly.pdbx_seq_one_letter_code
;GSARLKGITLRIGVIESVPFTIVANVIDTSGRNTTKLTGYVLDLIEYLRDKMGFVADVQLAPPNTSYTGLVLALANGDYD
IAIGDITVTSARREIVAFSNSISDNSMRILMRKGTLIDGMDDLKNGKIPYNRIGIRIGTAGEDYYLREISGGSRNFYPLK
SRQEMYDSLLAGIIDVSFMDIGTAEYVTNNIYCNLTLVGEDFDKSTFGIVTPKEWLYAKDLDVNILSLRETGILDNLKKK
WFQTKACP
;
_entity_poly.pdbx_strand_id   A,B
#
# COMPACT_ATOMS: atom_id res chain seq x y z
N GLY A 1 -26.24 2.91 -1.34
CA GLY A 1 -26.00 3.98 -0.32
C GLY A 1 -24.65 4.66 -0.52
N SER A 2 -24.64 5.73 -1.30
CA SER A 2 -23.40 6.49 -1.53
C SER A 2 -23.72 7.94 -1.90
N ALA A 3 -22.78 8.85 -1.64
CA ALA A 3 -22.95 10.26 -1.95
C ALA A 3 -21.61 10.94 -2.15
N ARG A 4 -21.65 12.09 -2.81
CA ARG A 4 -20.49 12.97 -3.00
C ARG A 4 -20.37 13.94 -1.84
N LEU A 5 -19.14 14.32 -1.54
CA LEU A 5 -18.85 15.21 -0.42
C LEU A 5 -19.01 16.71 -0.73
N LYS A 6 -19.35 17.07 -1.97
CA LYS A 6 -19.42 18.49 -2.35
C LYS A 6 -20.41 19.24 -1.47
N GLY A 7 -19.94 20.32 -0.85
CA GLY A 7 -20.76 21.14 0.04
C GLY A 7 -20.98 20.60 1.45
N ILE A 8 -20.47 19.41 1.75
CA ILE A 8 -20.65 18.82 3.05
C ILE A 8 -19.50 19.24 3.93
N THR A 9 -19.81 19.51 5.19
CA THR A 9 -18.78 19.81 6.18
C THR A 9 -18.24 18.54 6.82
N LEU A 10 -16.91 18.40 6.78
CA LEU A 10 -16.21 17.32 7.43
C LEU A 10 -15.37 17.83 8.57
N ARG A 11 -15.60 17.25 9.74
CA ARG A 11 -14.72 17.44 10.90
C ARG A 11 -13.55 16.48 10.71
N ILE A 12 -12.38 17.07 10.50
CA ILE A 12 -11.18 16.29 10.18
C ILE A 12 -10.22 16.31 11.35
N GLY A 13 -10.05 15.16 11.97
CA GLY A 13 -9.12 15.02 13.08
C GLY A 13 -7.69 14.87 12.55
N VAL A 14 -6.77 15.62 13.13
CA VAL A 14 -5.35 15.54 12.78
C VAL A 14 -4.59 15.41 14.09
N ILE A 15 -3.36 14.90 14.01
CA ILE A 15 -2.56 14.58 15.20
C ILE A 15 -1.11 15.03 14.97
N GLU A 16 -0.53 15.71 15.96
CA GLU A 16 0.81 16.28 15.82
C GLU A 16 1.88 15.22 15.53
N SER A 17 2.62 15.47 14.46
CA SER A 17 3.67 14.55 14.00
C SER A 17 4.44 15.22 12.89
N VAL A 18 5.59 15.81 13.21
CA VAL A 18 6.33 16.53 12.17
C VAL A 18 6.91 15.53 11.18
N PRO A 19 6.84 15.82 9.85
CA PRO A 19 6.30 16.99 9.17
C PRO A 19 4.94 16.72 8.53
N PHE A 20 4.22 15.73 9.03
CA PHE A 20 2.85 15.50 8.59
C PHE A 20 1.93 16.62 9.08
N THR A 21 1.93 16.84 10.40
CA THR A 21 1.11 17.85 11.02
C THR A 21 1.98 18.59 12.03
N ILE A 22 2.26 19.84 11.69
CA ILE A 22 3.22 20.65 12.42
C ILE A 22 2.43 21.74 13.13
N VAL A 23 2.61 21.80 14.45
CA VAL A 23 1.83 22.69 15.30
C VAL A 23 2.70 23.83 15.81
N ALA A 24 2.28 25.06 15.59
CA ALA A 24 3.03 26.21 16.06
C ALA A 24 2.13 27.11 16.88
N ASN A 25 2.68 27.72 17.92
CA ASN A 25 1.96 28.73 18.71
C ASN A 25 2.29 30.15 18.24
N VAL A 26 1.29 31.02 18.37
CA VAL A 26 1.33 32.38 17.78
C VAL A 26 1.93 32.36 16.39
N ASN A 33 -2.85 34.62 21.65
CA ASN A 33 -2.26 33.30 21.39
C ASN A 33 -3.14 32.40 20.51
N THR A 34 -2.59 31.92 19.40
CA THR A 34 -3.33 31.01 18.53
C THR A 34 -2.40 29.95 17.96
N THR A 35 -3.01 28.93 17.36
CA THR A 35 -2.28 27.77 16.90
C THR A 35 -2.35 27.72 15.38
N LYS A 36 -1.21 27.52 14.73
CA LYS A 36 -1.20 27.34 13.30
C LYS A 36 -0.75 25.93 13.00
N LEU A 37 -1.40 25.32 12.01
CA LEU A 37 -1.01 23.99 11.52
C LEU A 37 -0.49 24.08 10.10
N THR A 38 0.59 23.34 9.83
CA THR A 38 1.13 23.19 8.49
C THR A 38 1.59 21.75 8.35
N GLY A 39 1.96 21.39 7.13
CA GLY A 39 2.58 20.10 6.86
C GLY A 39 1.93 19.35 5.74
N TYR A 40 2.46 18.17 5.45
CA TYR A 40 1.93 17.27 4.44
C TYR A 40 0.40 17.09 4.56
N VAL A 41 -0.07 16.85 5.79
CA VAL A 41 -1.50 16.56 5.99
C VAL A 41 -2.35 17.76 5.62
N LEU A 42 -1.91 18.93 6.01
CA LEU A 42 -2.69 20.15 5.76
C LEU A 42 -2.72 20.41 4.24
N ASP A 43 -1.59 20.19 3.56
CA ASP A 43 -1.56 20.36 2.10
C ASP A 43 -2.48 19.34 1.43
N LEU A 44 -2.47 18.10 1.93
CA LEU A 44 -3.32 17.05 1.38
C LEU A 44 -4.80 17.38 1.53
N ILE A 45 -5.18 17.89 2.69
CA ILE A 45 -6.56 18.35 2.91
C ILE A 45 -6.96 19.39 1.85
N GLU A 46 -6.09 20.34 1.58
N GLU A 46 -6.07 20.34 1.60
CA GLU A 46 -6.39 21.37 0.60
CA GLU A 46 -6.33 21.37 0.60
C GLU A 46 -6.53 20.79 -0.81
C GLU A 46 -6.53 20.76 -0.78
N TYR A 47 -5.65 19.85 -1.17
CA TYR A 47 -5.77 19.21 -2.49
C TYR A 47 -7.10 18.47 -2.59
N LEU A 48 -7.46 17.75 -1.54
CA LEU A 48 -8.71 17.00 -1.53
C LEU A 48 -9.93 17.93 -1.54
N ARG A 49 -9.85 19.01 -0.78
CA ARG A 49 -10.95 19.96 -0.68
C ARG A 49 -11.20 20.58 -2.05
N ASP A 50 -10.13 20.97 -2.73
CA ASP A 50 -10.24 21.56 -4.07
C ASP A 50 -10.91 20.64 -5.08
N LYS A 51 -10.55 19.36 -5.05
CA LYS A 51 -11.16 18.42 -5.98
C LYS A 51 -12.58 18.00 -5.61
N MET A 52 -12.86 17.88 -4.31
CA MET A 52 -14.10 17.27 -3.83
C MET A 52 -15.16 18.28 -3.41
N GLY A 53 -14.72 19.46 -3.03
CA GLY A 53 -15.64 20.54 -2.69
C GLY A 53 -16.28 20.50 -1.31
N PHE A 54 -15.74 19.68 -0.41
CA PHE A 54 -16.23 19.70 0.96
C PHE A 54 -15.71 20.92 1.71
N VAL A 55 -16.31 21.18 2.86
CA VAL A 55 -15.87 22.24 3.75
C VAL A 55 -15.07 21.58 4.85
N ALA A 56 -13.83 22.02 5.01
CA ALA A 56 -12.94 21.40 5.96
C ALA A 56 -13.02 22.10 7.32
N ASP A 57 -13.36 21.33 8.35
CA ASP A 57 -13.27 21.79 9.74
C ASP A 57 -12.15 20.97 10.44
N VAL A 58 -10.92 21.49 10.39
CA VAL A 58 -9.76 20.75 10.84
C VAL A 58 -9.58 20.91 12.34
N GLN A 59 -9.51 19.78 13.02
CA GLN A 59 -9.43 19.76 14.47
CA GLN A 59 -9.44 19.75 14.47
C GLN A 59 -8.21 18.99 14.95
N LEU A 60 -7.29 19.70 15.57
CA LEU A 60 -6.12 19.07 16.17
C LEU A 60 -6.53 18.28 17.42
N ALA A 61 -6.14 17.01 17.47
CA ALA A 61 -6.35 16.18 18.66
C ALA A 61 -5.59 16.76 19.87
N PRO A 62 -6.18 16.67 21.06
CA PRO A 62 -5.53 17.13 22.30
C PRO A 62 -4.13 16.56 22.46
N PRO A 63 -3.25 17.30 23.14
CA PRO A 63 -1.82 16.96 23.19
C PRO A 63 -1.48 15.52 23.54
N ASN A 64 -2.19 14.92 24.48
CA ASN A 64 -1.73 13.59 24.89
C ASN A 64 -2.31 12.42 24.08
N THR A 65 -3.12 12.76 23.08
CA THR A 65 -3.85 11.76 22.30
C THR A 65 -2.94 10.72 21.64
N SER A 66 -3.25 9.44 21.81
CA SER A 66 -2.50 8.40 21.12
C SER A 66 -3.13 8.14 19.77
N TYR A 67 -2.43 7.39 18.94
CA TYR A 67 -2.96 7.02 17.65
C TYR A 67 -4.21 6.12 17.81
N THR A 68 -4.14 5.15 18.71
CA THR A 68 -5.33 4.35 18.97
C THR A 68 -6.43 5.24 19.53
N GLY A 69 -6.03 6.21 20.36
CA GLY A 69 -6.99 7.15 20.95
C GLY A 69 -7.74 7.95 19.89
N LEU A 70 -7.00 8.38 18.87
CA LEU A 70 -7.59 9.10 17.74
C LEU A 70 -8.59 8.25 16.98
N VAL A 71 -8.21 7.01 16.71
CA VAL A 71 -9.13 6.08 16.08
C VAL A 71 -10.42 5.87 16.91
N LEU A 72 -10.27 5.62 18.21
CA LEU A 72 -11.43 5.45 19.07
C LEU A 72 -12.31 6.70 19.09
N ALA A 73 -11.67 7.86 19.14
CA ALA A 73 -12.41 9.12 19.14
C ALA A 73 -13.27 9.24 17.88
N LEU A 74 -12.73 8.85 16.74
CA LEU A 74 -13.51 8.89 15.53
C LEU A 74 -14.67 7.92 15.62
N ALA A 75 -14.40 6.72 16.14
CA ALA A 75 -15.42 5.69 16.22
C ALA A 75 -16.57 6.17 17.13
N ASN A 76 -16.20 7.00 18.10
CA ASN A 76 -17.16 7.58 19.05
C ASN A 76 -17.97 8.72 18.45
N GLY A 77 -17.58 9.19 17.26
CA GLY A 77 -18.27 10.27 16.58
C GLY A 77 -17.68 11.64 16.79
N ASP A 78 -16.45 11.71 17.30
CA ASP A 78 -15.82 12.98 17.60
C ASP A 78 -15.33 13.70 16.34
N TYR A 79 -15.14 12.92 15.27
CA TYR A 79 -14.66 13.42 13.99
C TYR A 79 -15.39 12.65 12.88
N ASP A 80 -15.44 13.21 11.68
CA ASP A 80 -15.94 12.49 10.53
C ASP A 80 -14.87 11.65 9.82
N ILE A 81 -13.67 12.20 9.66
CA ILE A 81 -12.53 11.45 9.16
C ILE A 81 -11.30 11.86 10.00
N ALA A 82 -10.24 11.05 9.97
CA ALA A 82 -8.97 11.45 10.54
C ALA A 82 -7.85 11.20 9.55
N ILE A 83 -7.02 12.21 9.35
CA ILE A 83 -5.93 12.14 8.39
C ILE A 83 -4.59 12.32 9.09
N GLY A 84 -3.69 11.39 8.87
CA GLY A 84 -2.36 11.52 9.41
C GLY A 84 -1.51 10.32 9.06
N ASP A 85 -0.42 10.19 9.81
CA ASP A 85 0.46 9.02 9.69
C ASP A 85 -0.12 7.90 10.53
N ILE A 86 -1.29 7.44 10.09
CA ILE A 86 -2.10 6.49 10.86
C ILE A 86 -2.02 5.11 10.18
N THR A 87 -1.39 4.17 10.88
CA THR A 87 -1.21 2.83 10.35
C THR A 87 -2.52 2.05 10.30
N VAL A 88 -2.72 1.36 9.17
CA VAL A 88 -3.89 0.50 9.01
C VAL A 88 -3.58 -0.81 9.70
N THR A 89 -4.35 -1.19 10.70
CA THR A 89 -4.12 -2.44 11.41
C THR A 89 -5.41 -3.25 11.50
N SER A 90 -5.28 -4.54 11.69
N SER A 90 -5.27 -4.55 11.70
CA SER A 90 -6.45 -5.42 11.79
CA SER A 90 -6.41 -5.47 11.82
C SER A 90 -7.33 -5.05 12.97
C SER A 90 -7.32 -5.06 12.98
N ALA A 91 -6.71 -4.77 14.11
CA ALA A 91 -7.46 -4.37 15.30
C ALA A 91 -8.23 -3.06 15.07
N ARG A 92 -7.63 -2.08 14.37
CA ARG A 92 -8.34 -0.83 14.15
C ARG A 92 -9.47 -1.02 13.12
N ARG A 93 -9.24 -1.88 12.15
CA ARG A 93 -10.22 -2.13 11.08
C ARG A 93 -11.49 -2.80 11.63
N GLU A 94 -11.41 -3.43 12.80
CA GLU A 94 -12.60 -3.93 13.48
C GLU A 94 -13.58 -2.82 13.84
N ILE A 95 -13.09 -1.61 14.10
CA ILE A 95 -13.94 -0.54 14.62
C ILE A 95 -14.11 0.68 13.73
N VAL A 96 -13.25 0.80 12.72
CA VAL A 96 -13.33 1.89 11.75
C VAL A 96 -12.95 1.34 10.37
N ALA A 97 -13.26 2.10 9.33
CA ALA A 97 -12.76 1.77 8.03
C ALA A 97 -11.58 2.66 7.68
N PHE A 98 -10.87 2.27 6.63
CA PHE A 98 -9.76 3.07 6.13
C PHE A 98 -9.91 3.30 4.64
N SER A 99 -9.53 4.49 4.20
CA SER A 99 -9.46 4.81 2.80
C SER A 99 -8.36 4.00 2.14
N ASN A 100 -8.34 4.01 0.83
N ASN A 100 -8.36 4.07 0.83
CA ASN A 100 -7.21 3.48 0.12
CA ASN A 100 -7.21 3.66 0.05
C ASN A 100 -5.98 4.20 0.63
C ASN A 100 -5.96 4.24 0.70
N SER A 101 -4.87 3.48 0.67
CA SER A 101 -3.67 4.00 1.32
C SER A 101 -3.15 5.28 0.67
N ILE A 102 -2.70 6.20 1.51
CA ILE A 102 -2.00 7.39 1.07
C ILE A 102 -0.49 7.23 1.02
N SER A 103 0.04 6.18 1.65
CA SER A 103 1.49 5.96 1.68
C SER A 103 1.76 4.56 2.16
N ASP A 104 2.85 3.98 1.66
N ASP A 104 2.82 3.95 1.64
CA ASP A 104 3.38 2.78 2.26
CA ASP A 104 3.33 2.73 2.24
C ASP A 104 4.06 3.18 3.56
C ASP A 104 4.09 3.15 3.51
N ASN A 105 4.42 2.18 4.35
CA ASN A 105 5.09 2.44 5.62
C ASN A 105 5.80 1.21 6.08
N SER A 106 6.77 1.43 6.95
CA SER A 106 7.42 0.37 7.71
C SER A 106 8.07 1.02 8.90
N MET A 107 8.60 0.22 9.83
CA MET A 107 9.22 0.78 11.02
C MET A 107 10.68 0.48 11.05
N ARG A 108 11.41 1.34 11.75
CA ARG A 108 12.81 1.10 12.07
C ARG A 108 13.08 1.27 13.55
N ILE A 109 14.23 0.74 13.97
CA ILE A 109 14.73 0.89 15.32
C ILE A 109 15.48 2.21 15.41
N LEU A 110 15.10 3.00 16.41
CA LEU A 110 15.68 4.30 16.70
C LEU A 110 16.62 4.14 17.91
N MET A 111 17.81 4.73 17.84
CA MET A 111 18.71 4.65 18.99
C MET A 111 19.69 5.81 19.00
N ARG A 112 20.47 5.94 20.08
CA ARG A 112 21.61 6.88 20.07
C ARG A 112 22.69 6.42 19.12
N LYS A 113 23.36 7.37 18.46
CA LYS A 113 24.50 7.01 17.65
C LYS A 113 25.51 6.27 18.53
N GLY A 114 26.16 5.27 17.95
CA GLY A 114 27.20 4.55 18.68
C GLY A 114 26.72 3.27 19.37
N THR A 115 25.42 3.18 19.61
CA THR A 115 24.85 2.01 20.27
C THR A 115 25.13 0.73 19.49
N LEU A 116 25.59 -0.31 20.20
CA LEU A 116 25.96 -1.55 19.53
C LEU A 116 24.75 -2.50 19.40
N ILE A 117 23.86 -2.13 18.48
CA ILE A 117 22.71 -2.92 18.11
C ILE A 117 22.78 -3.12 16.61
N ASP A 118 22.69 -4.37 16.15
CA ASP A 118 22.81 -4.69 14.74
C ASP A 118 21.44 -4.69 14.06
N GLY A 119 20.39 -5.00 14.82
CA GLY A 119 19.07 -5.17 14.26
C GLY A 119 18.11 -5.84 15.22
N MET A 120 16.98 -6.33 14.69
CA MET A 120 15.90 -6.82 15.53
C MET A 120 16.30 -8.07 16.34
N ASP A 121 17.21 -8.87 15.82
CA ASP A 121 17.67 -10.06 16.55
C ASP A 121 18.18 -9.75 17.95
N ASP A 122 18.86 -8.62 18.11
CA ASP A 122 19.43 -8.26 19.40
C ASP A 122 18.35 -7.95 20.43
N LEU A 123 17.18 -7.51 19.98
CA LEU A 123 16.05 -7.35 20.88
C LEU A 123 15.38 -8.69 21.16
N LYS A 124 15.40 -9.56 20.16
CA LYS A 124 14.74 -10.87 20.28
C LYS A 124 15.64 -11.88 21.02
N ASN A 125 16.95 -11.69 20.93
CA ASN A 125 17.89 -12.60 21.59
C ASN A 125 18.07 -12.23 23.04
N GLY A 126 17.80 -10.98 23.37
CA GLY A 126 17.94 -10.52 24.74
C GLY A 126 19.22 -9.76 25.02
N LYS A 127 19.90 -9.27 23.97
N LYS A 127 19.90 -9.27 23.98
CA LYS A 127 21.09 -8.43 24.16
CA LYS A 127 21.08 -8.45 24.19
C LYS A 127 20.69 -7.22 24.99
C LYS A 127 20.69 -7.23 25.00
N ILE A 128 19.42 -6.86 24.89
CA ILE A 128 18.87 -5.76 25.64
C ILE A 128 17.77 -6.35 26.49
N PRO A 129 17.70 -5.96 27.77
CA PRO A 129 16.56 -6.31 28.61
C PRO A 129 15.32 -5.83 27.89
N TYR A 130 14.17 -6.45 28.16
CA TYR A 130 12.91 -5.98 27.60
C TYR A 130 12.65 -4.53 27.99
N ASN A 131 13.00 -4.17 29.22
CA ASN A 131 12.79 -2.80 29.72
C ASN A 131 13.81 -1.74 29.24
N ARG A 132 14.75 -2.18 28.41
CA ARG A 132 15.61 -1.16 27.80
C ARG A 132 14.99 -0.72 26.48
N ILE A 133 13.80 -1.22 26.20
CA ILE A 133 13.08 -0.93 24.98
C ILE A 133 11.91 -0.01 25.31
N GLY A 134 11.95 1.23 24.82
CA GLY A 134 10.85 2.16 25.00
C GLY A 134 9.82 2.02 23.86
N ILE A 135 8.55 1.96 24.24
CA ILE A 135 7.49 1.76 23.27
C ILE A 135 6.37 2.76 23.54
N ARG A 136 5.97 3.51 22.51
CA ARG A 136 4.88 4.46 22.67
C ARG A 136 3.56 3.71 22.70
N ILE A 137 2.81 3.88 23.78
CA ILE A 137 1.56 3.15 23.94
C ILE A 137 0.54 3.65 22.91
N GLY A 138 -0.31 2.73 22.46
CA GLY A 138 -1.37 3.09 21.50
C GLY A 138 -0.85 3.34 20.11
N THR A 139 0.29 2.75 19.77
CA THR A 139 0.81 2.81 18.42
C THR A 139 0.94 1.39 17.86
N ALA A 140 1.11 1.32 16.54
CA ALA A 140 1.33 0.03 15.90
C ALA A 140 2.60 -0.63 16.42
N GLY A 141 3.58 0.18 16.80
CA GLY A 141 4.81 -0.34 17.37
C GLY A 141 4.56 -1.17 18.62
N GLU A 142 3.60 -0.73 19.44
CA GLU A 142 3.25 -1.49 20.61
C GLU A 142 2.67 -2.86 20.22
N ASP A 143 1.80 -2.89 19.21
CA ASP A 143 1.27 -4.17 18.78
C ASP A 143 2.35 -5.09 18.25
N TYR A 144 3.32 -4.52 17.55
CA TYR A 144 4.42 -5.34 17.01
C TYR A 144 5.25 -5.92 18.13
N TYR A 145 5.56 -5.10 19.12
CA TYR A 145 6.34 -5.55 20.27
C TYR A 145 5.67 -6.72 21.00
N LEU A 146 4.38 -6.60 21.24
CA LEU A 146 3.63 -7.62 21.97
C LEU A 146 3.55 -8.93 21.19
N ARG A 147 3.50 -8.86 19.85
CA ARG A 147 3.41 -10.07 19.05
C ARG A 147 4.77 -10.74 18.83
N GLU A 148 5.82 -9.94 18.62
CA GLU A 148 7.10 -10.46 18.11
C GLU A 148 8.23 -10.52 19.13
N ILE A 149 8.14 -9.72 20.18
CA ILE A 149 9.21 -9.60 21.16
C ILE A 149 8.84 -10.24 22.51
N SER A 150 7.71 -9.84 23.08
CA SER A 150 7.43 -10.20 24.47
C SER A 150 6.34 -11.26 24.68
N GLY A 151 5.87 -11.88 23.60
CA GLY A 151 4.85 -12.90 23.70
C GLY A 151 3.63 -12.43 24.46
N GLY A 152 3.25 -11.19 24.21
CA GLY A 152 2.05 -10.64 24.83
C GLY A 152 2.29 -9.89 26.11
N SER A 153 3.49 -9.98 26.69
CA SER A 153 3.71 -9.32 27.97
C SER A 153 4.02 -7.83 27.80
N ARG A 154 3.36 -7.02 28.62
CA ARG A 154 3.51 -5.58 28.56
C ARG A 154 4.72 -5.15 29.39
N ASN A 155 5.91 -5.55 28.93
CA ASN A 155 7.11 -5.43 29.74
C ASN A 155 8.17 -4.51 29.13
N PHE A 156 7.79 -3.84 28.04
CA PHE A 156 8.58 -2.73 27.52
C PHE A 156 8.53 -1.54 28.48
N TYR A 157 9.40 -0.56 28.26
CA TYR A 157 9.34 0.74 28.92
C TYR A 157 8.34 1.69 28.25
N PRO A 158 7.29 2.10 28.97
CA PRO A 158 6.15 2.79 28.33
C PRO A 158 6.43 4.26 28.02
N LEU A 159 6.05 4.72 26.84
CA LEU A 159 6.28 6.13 26.47
C LEU A 159 4.97 6.75 26.05
N LYS A 160 4.72 7.98 26.49
CA LYS A 160 3.48 8.67 26.19
C LYS A 160 3.45 9.58 24.94
N SER A 161 4.63 9.85 24.37
CA SER A 161 4.75 10.77 23.24
C SER A 161 6.07 10.56 22.54
N ARG A 162 6.20 11.10 21.33
CA ARG A 162 7.49 11.09 20.68
C ARG A 162 8.55 11.87 21.49
N GLN A 163 8.13 12.96 22.11
CA GLN A 163 9.05 13.77 22.90
C GLN A 163 9.66 12.94 24.05
N GLU A 164 8.83 12.13 24.73
CA GLU A 164 9.32 11.27 25.80
C GLU A 164 10.28 10.22 25.25
N MET A 165 9.99 9.77 24.03
CA MET A 165 10.89 8.82 23.37
C MET A 165 12.26 9.44 23.15
N TYR A 166 12.30 10.61 22.52
CA TYR A 166 13.58 11.26 22.21
C TYR A 166 14.34 11.54 23.51
N ASP A 167 13.66 12.16 24.46
CA ASP A 167 14.27 12.50 25.75
C ASP A 167 14.86 11.29 26.45
N SER A 168 14.16 10.15 26.41
CA SER A 168 14.59 9.00 27.18
C SER A 168 15.80 8.33 26.53
N LEU A 169 15.84 8.37 25.20
CA LEU A 169 16.99 7.83 24.51
C LEU A 169 18.18 8.71 24.84
N LEU A 170 17.98 10.01 24.75
CA LEU A 170 19.11 10.93 24.95
C LEU A 170 19.60 10.88 26.39
N ALA A 171 18.77 10.41 27.31
CA ALA A 171 19.16 10.35 28.72
C ALA A 171 19.69 8.99 29.18
N GLY A 172 19.77 8.02 28.27
CA GLY A 172 20.31 6.72 28.57
C GLY A 172 19.35 5.84 29.33
N ILE A 173 18.08 6.23 29.39
CA ILE A 173 17.06 5.43 30.06
C ILE A 173 16.59 4.25 29.23
N ILE A 174 16.42 4.47 27.93
CA ILE A 174 16.24 3.36 27.03
C ILE A 174 17.38 3.32 26.03
N ASP A 175 17.61 2.17 25.46
CA ASP A 175 18.61 2.04 24.43
C ASP A 175 17.98 2.10 23.05
N VAL A 176 16.71 1.70 22.92
CA VAL A 176 16.06 1.72 21.63
C VAL A 176 14.57 2.06 21.73
N SER A 177 14.02 2.48 20.60
CA SER A 177 12.56 2.45 20.41
C SER A 177 12.27 2.09 18.94
N PHE A 178 10.99 2.07 18.57
CA PHE A 178 10.56 1.81 17.18
C PHE A 178 9.89 3.06 16.63
N MET A 179 10.03 3.27 15.34
CA MET A 179 9.47 4.47 14.74
C MET A 179 9.21 4.23 13.27
N ASP A 180 8.07 4.74 12.78
CA ASP A 180 7.79 4.72 11.35
C ASP A 180 8.93 5.37 10.58
N ILE A 181 9.24 4.81 9.42
CA ILE A 181 10.43 5.20 8.69
C ILE A 181 10.42 6.63 8.15
N GLY A 182 9.27 7.11 7.69
CA GLY A 182 9.22 8.44 7.08
C GLY A 182 9.56 9.51 8.12
N THR A 183 8.83 9.50 9.22
CA THR A 183 9.13 10.43 10.30
C THR A 183 10.46 10.13 11.01
N ALA A 184 10.84 8.85 11.12
CA ALA A 184 12.13 8.55 11.76
C ALA A 184 13.29 9.14 10.95
N GLU A 185 13.21 9.02 9.62
CA GLU A 185 14.22 9.63 8.75
C GLU A 185 14.21 11.14 8.89
N TYR A 186 13.02 11.74 8.85
CA TYR A 186 12.94 13.17 8.99
C TYR A 186 13.57 13.68 10.29
N VAL A 187 13.18 13.10 11.41
N VAL A 187 13.18 13.12 11.43
CA VAL A 187 13.65 13.60 12.69
CA VAL A 187 13.69 13.62 12.70
C VAL A 187 15.15 13.35 12.89
C VAL A 187 15.17 13.37 12.87
N THR A 188 15.64 12.18 12.52
CA THR A 188 17.09 11.90 12.64
C THR A 188 17.95 12.68 11.61
N ASN A 189 17.32 13.13 10.53
CA ASN A 189 18.06 13.91 9.54
C ASN A 189 17.98 15.43 9.71
N ASN A 190 17.08 15.90 10.57
CA ASN A 190 16.85 17.34 10.66
C ASN A 190 16.79 17.92 12.05
N ILE A 191 16.50 17.08 13.05
CA ILE A 191 16.22 17.60 14.38
C ILE A 191 17.15 17.01 15.45
N TYR A 192 17.25 15.68 15.48
CA TYR A 192 18.08 14.95 16.44
C TYR A 192 19.25 14.30 15.75
N CYS A 193 20.28 15.10 15.48
CA CYS A 193 21.42 14.63 14.72
C CYS A 193 22.25 13.55 15.41
N ASN A 194 22.05 13.38 16.72
CA ASN A 194 22.79 12.38 17.50
C ASN A 194 21.98 11.10 17.76
N LEU A 195 20.82 11.03 17.14
CA LEU A 195 20.05 9.80 17.13
C LEU A 195 20.19 9.23 15.74
N THR A 196 19.96 7.92 15.61
CA THR A 196 20.10 7.27 14.31
C THR A 196 19.18 6.07 14.18
N LEU A 197 19.13 5.48 12.98
CA LEU A 197 18.29 4.30 12.74
C LEU A 197 19.19 3.13 12.44
N VAL A 198 18.76 1.92 12.80
CA VAL A 198 19.59 0.75 12.55
C VAL A 198 18.71 -0.47 12.17
N GLY A 199 19.26 -1.35 11.35
CA GLY A 199 18.61 -2.62 11.04
C GLY A 199 17.68 -2.56 9.85
N GLU A 200 17.13 -3.70 9.48
CA GLU A 200 16.21 -3.75 8.36
C GLU A 200 14.86 -3.20 8.81
N ASP A 201 14.10 -2.69 7.85
CA ASP A 201 12.79 -2.18 8.22
C ASP A 201 11.87 -3.37 8.45
N PHE A 202 10.85 -3.15 9.27
CA PHE A 202 9.94 -4.22 9.64
C PHE A 202 8.51 -3.71 9.70
N ASP A 203 7.58 -4.65 9.78
CA ASP A 203 6.15 -4.35 9.83
C ASP A 203 5.72 -3.48 8.68
N LYS A 204 6.05 -3.94 7.47
CA LYS A 204 5.54 -3.30 6.24
C LYS A 204 4.04 -3.14 6.39
N SER A 205 3.57 -1.93 6.12
CA SER A 205 2.20 -1.55 6.37
C SER A 205 1.83 -0.37 5.47
N THR A 206 0.68 0.24 5.77
CA THR A 206 0.22 1.38 4.99
C THR A 206 -0.39 2.40 5.93
N PHE A 207 -0.43 3.65 5.48
CA PHE A 207 -1.22 4.71 6.13
C PHE A 207 -2.50 4.91 5.35
N GLY A 208 -3.61 5.08 6.06
CA GLY A 208 -4.89 5.32 5.44
C GLY A 208 -5.64 6.40 6.20
N ILE A 209 -6.57 7.07 5.50
CA ILE A 209 -7.49 8.00 6.17
C ILE A 209 -8.58 7.21 6.87
N VAL A 210 -8.79 7.52 8.15
CA VAL A 210 -9.76 6.82 8.97
C VAL A 210 -11.14 7.38 8.66
N THR A 211 -12.09 6.49 8.43
CA THR A 211 -13.47 6.88 8.21
C THR A 211 -14.38 5.98 9.06
N PRO A 212 -15.66 6.36 9.19
CA PRO A 212 -16.56 5.40 9.80
C PRO A 212 -16.72 4.13 8.97
N LYS A 213 -17.07 3.03 9.63
CA LYS A 213 -17.48 1.86 8.87
C LYS A 213 -18.72 2.11 8.04
N GLU A 214 -18.76 1.44 6.89
CA GLU A 214 -19.90 1.55 5.96
C GLU A 214 -20.28 3.00 5.63
N TRP A 215 -19.26 3.82 5.37
CA TRP A 215 -19.45 5.26 5.23
C TRP A 215 -20.05 5.61 3.88
N LEU A 216 -20.99 6.54 3.91
CA LEU A 216 -21.72 7.01 2.71
C LEU A 216 -20.76 7.52 1.63
N TYR A 217 -19.68 8.15 2.08
CA TYR A 217 -18.77 8.88 1.19
C TYR A 217 -17.52 8.07 0.79
N ALA A 218 -17.51 6.77 1.04
CA ALA A 218 -16.27 5.99 0.86
C ALA A 218 -15.71 6.06 -0.55
N LYS A 219 -16.57 5.81 -1.53
CA LYS A 219 -16.12 5.83 -2.93
C LYS A 219 -15.56 7.20 -3.36
N ASP A 220 -16.24 8.28 -3.01
CA ASP A 220 -15.82 9.63 -3.44
C ASP A 220 -14.38 9.85 -2.93
N LEU A 221 -14.14 9.54 -1.65
CA LEU A 221 -12.82 9.80 -1.07
C LEU A 221 -11.76 8.91 -1.72
N ASP A 222 -12.10 7.63 -1.88
CA ASP A 222 -11.14 6.68 -2.43
C ASP A 222 -10.77 7.04 -3.87
N VAL A 223 -11.77 7.34 -4.69
CA VAL A 223 -11.45 7.70 -6.07
C VAL A 223 -10.54 8.94 -6.14
N ASN A 224 -10.77 9.92 -5.28
CA ASN A 224 -9.94 11.09 -5.26
C ASN A 224 -8.52 10.86 -4.75
N ILE A 225 -8.36 10.05 -3.70
N ILE A 225 -8.36 10.05 -3.71
CA ILE A 225 -7.03 9.67 -3.24
CA ILE A 225 -7.02 9.68 -3.26
C ILE A 225 -6.23 9.00 -4.37
C ILE A 225 -6.23 9.01 -4.37
N LEU A 226 -6.85 8.05 -5.07
CA LEU A 226 -6.20 7.33 -6.14
C LEU A 226 -5.81 8.23 -7.32
N SER A 227 -6.68 9.19 -7.64
N SER A 227 -6.67 9.20 -7.61
CA SER A 227 -6.38 10.20 -8.62
CA SER A 227 -6.40 10.23 -8.60
C SER A 227 -5.18 11.08 -8.22
C SER A 227 -5.17 11.05 -8.21
N LEU A 228 -5.09 11.45 -6.95
CA LEU A 228 -3.91 12.17 -6.47
C LEU A 228 -2.63 11.31 -6.61
N ARG A 229 -2.76 10.01 -6.36
N ARG A 229 -2.73 10.02 -6.37
CA ARG A 229 -1.67 9.03 -6.51
CA ARG A 229 -1.57 9.17 -6.58
C ARG A 229 -1.22 9.02 -7.97
C ARG A 229 -1.22 9.21 -8.04
N GLU A 230 -2.18 8.86 -8.88
CA GLU A 230 -1.92 8.69 -10.30
C GLU A 230 -1.36 9.93 -10.97
N THR A 231 -1.77 11.10 -10.51
CA THR A 231 -1.34 12.37 -11.10
C THR A 231 -0.05 12.92 -10.47
N GLY A 232 0.52 12.17 -9.54
CA GLY A 232 1.81 12.48 -8.94
C GLY A 232 1.76 13.41 -7.74
N ILE A 233 0.56 13.82 -7.32
CA ILE A 233 0.44 14.82 -6.25
C ILE A 233 0.98 14.25 -4.92
N LEU A 234 0.66 12.98 -4.63
CA LEU A 234 1.16 12.37 -3.39
C LEU A 234 2.69 12.31 -3.37
N ASP A 235 3.31 11.94 -4.50
CA ASP A 235 4.78 11.98 -4.65
C ASP A 235 5.32 13.39 -4.44
N ASN A 236 4.67 14.38 -5.02
CA ASN A 236 5.07 15.79 -4.89
C ASN A 236 5.05 16.22 -3.43
N LEU A 237 3.97 15.87 -2.74
CA LEU A 237 3.81 16.25 -1.34
C LEU A 237 4.88 15.59 -0.49
N LYS A 238 5.20 14.32 -0.78
CA LYS A 238 6.19 13.61 -0.02
C LYS A 238 7.55 14.28 -0.19
N LYS A 239 7.87 14.61 -1.44
CA LYS A 239 9.15 15.27 -1.71
C LYS A 239 9.22 16.62 -1.00
N LYS A 240 8.13 17.37 -1.05
CA LYS A 240 8.09 18.69 -0.47
C LYS A 240 8.42 18.69 1.00
N TRP A 241 7.80 17.78 1.75
CA TRP A 241 7.91 17.78 3.21
C TRP A 241 9.00 16.89 3.75
N PHE A 242 9.39 15.83 3.03
CA PHE A 242 10.35 14.87 3.56
C PHE A 242 11.78 14.91 2.99
N GLN A 243 12.04 15.55 1.86
CA GLN A 243 13.41 15.52 1.29
C GLN A 243 14.55 16.20 2.11
N THR A 244 14.21 17.07 3.04
CA THR A 244 15.18 17.89 3.70
C THR A 244 16.14 17.09 4.57
N LYS A 245 17.40 17.53 4.61
CA LYS A 245 18.38 16.97 5.54
C LYS A 245 19.32 18.07 6.11
N ALA A 246 18.95 18.63 7.27
CA ALA A 246 19.68 19.71 7.94
C ALA A 246 20.93 19.25 8.69
N CYS A 247 20.92 18.03 9.20
CA CYS A 247 22.04 17.53 10.01
C CYS A 247 23.27 17.34 9.13
N PRO A 248 24.45 17.63 9.68
CA PRO A 248 25.65 17.55 8.83
C PRO A 248 25.91 16.12 8.40
N GLY B 1 -25.20 -2.92 6.68
CA GLY B 1 -24.75 -3.88 7.73
C GLY B 1 -23.52 -4.67 7.31
N SER B 2 -23.16 -5.64 8.15
CA SER B 2 -21.97 -6.45 7.98
C SER B 2 -22.21 -7.88 8.48
N ALA B 3 -21.52 -8.85 7.89
CA ALA B 3 -21.68 -10.24 8.27
C ALA B 3 -20.42 -10.99 7.96
N ARG B 4 -20.32 -12.21 8.47
CA ARG B 4 -19.16 -13.03 8.23
C ARG B 4 -19.35 -13.96 7.03
N LEU B 5 -18.23 -14.29 6.40
CA LEU B 5 -18.28 -15.15 5.24
C LEU B 5 -18.43 -16.65 5.57
N LYS B 6 -18.50 -17.00 6.84
CA LYS B 6 -18.59 -18.44 7.16
C LYS B 6 -19.79 -19.11 6.50
N GLY B 7 -19.53 -20.23 5.83
CA GLY B 7 -20.60 -21.00 5.18
C GLY B 7 -21.09 -20.46 3.84
N ILE B 8 -20.53 -19.33 3.40
CA ILE B 8 -20.95 -18.72 2.14
C ILE B 8 -20.09 -19.24 0.99
N THR B 9 -20.72 -19.47 -0.18
CA THR B 9 -19.98 -19.84 -1.37
C THR B 9 -19.58 -18.55 -2.08
N LEU B 10 -18.30 -18.39 -2.34
CA LEU B 10 -17.81 -17.25 -3.12
C LEU B 10 -17.29 -17.72 -4.45
N ARG B 11 -17.81 -17.13 -5.52
CA ARG B 11 -17.26 -17.29 -6.84
C ARG B 11 -16.09 -16.33 -6.93
N ILE B 12 -14.89 -16.89 -7.01
CA ILE B 12 -13.68 -16.12 -6.98
C ILE B 12 -13.03 -16.10 -8.33
N GLY B 13 -13.07 -14.93 -8.97
CA GLY B 13 -12.37 -14.74 -10.23
C GLY B 13 -10.87 -14.71 -10.05
N VAL B 14 -10.18 -15.50 -10.88
CA VAL B 14 -8.73 -15.43 -10.98
C VAL B 14 -8.28 -15.27 -12.43
N ILE B 15 -7.03 -14.85 -12.61
CA ILE B 15 -6.55 -14.50 -13.94
C ILE B 15 -5.11 -15.01 -14.10
N GLU B 16 -4.83 -15.66 -15.21
N GLU B 16 -4.83 -15.67 -15.21
CA GLU B 16 -3.53 -16.29 -15.38
CA GLU B 16 -3.54 -16.30 -15.40
C GLU B 16 -2.41 -15.27 -15.36
C GLU B 16 -2.40 -15.28 -15.38
N SER B 17 -1.42 -15.54 -14.53
CA SER B 17 -0.26 -14.68 -14.38
C SER B 17 0.79 -15.39 -13.49
N VAL B 18 1.82 -16.00 -14.09
CA VAL B 18 2.75 -16.74 -13.26
C VAL B 18 3.62 -15.76 -12.48
N PRO B 19 3.91 -16.05 -11.21
CA PRO B 19 3.53 -17.21 -10.40
C PRO B 19 2.37 -16.91 -9.42
N PHE B 20 1.61 -15.86 -9.70
CA PHE B 20 0.40 -15.60 -8.96
C PHE B 20 -0.66 -16.69 -9.18
N THR B 21 -1.02 -16.89 -10.43
CA THR B 21 -2.00 -17.90 -10.81
C THR B 21 -1.46 -18.65 -12.02
N ILE B 22 -1.13 -19.91 -11.77
CA ILE B 22 -0.45 -20.78 -12.71
C ILE B 22 -1.44 -21.84 -13.19
N VAL B 23 -1.58 -21.96 -14.51
CA VAL B 23 -2.55 -22.85 -15.11
C VAL B 23 -1.78 -23.98 -15.78
N ALA B 24 -2.06 -25.19 -15.34
CA ALA B 24 -1.38 -26.35 -15.89
C ALA B 24 -2.44 -27.24 -16.57
N ASN B 25 -2.12 -27.74 -17.76
CA ASN B 25 -2.96 -28.74 -18.39
C ASN B 25 -2.54 -30.11 -17.93
N VAL B 26 -3.55 -30.91 -17.63
CA VAL B 26 -3.40 -32.25 -17.13
C VAL B 26 -4.40 -33.17 -17.84
N ILE B 27 -4.01 -34.41 -18.06
CA ILE B 27 -4.90 -35.41 -18.66
C ILE B 27 -4.88 -36.68 -17.81
N THR B 34 -7.95 -31.85 -18.13
CA THR B 34 -8.41 -30.85 -17.17
C THR B 34 -7.27 -29.89 -16.78
N THR B 35 -7.60 -28.89 -15.95
CA THR B 35 -6.62 -27.90 -15.54
C THR B 35 -6.43 -27.90 -14.02
N LYS B 36 -5.19 -27.66 -13.59
CA LYS B 36 -4.87 -27.56 -12.18
C LYS B 36 -4.35 -26.14 -12.00
N LEU B 37 -4.87 -25.44 -11.00
CA LEU B 37 -4.39 -24.11 -10.67
C LEU B 37 -3.53 -24.16 -9.43
N THR B 38 -2.40 -23.47 -9.50
CA THR B 38 -1.51 -23.30 -8.37
C THR B 38 -1.02 -21.85 -8.35
N GLY B 39 -0.28 -21.52 -7.30
CA GLY B 39 0.42 -20.25 -7.21
C GLY B 39 0.10 -19.47 -5.95
N TYR B 40 0.71 -18.30 -5.84
CA TYR B 40 0.50 -17.43 -4.69
C TYR B 40 -1.00 -17.21 -4.41
N VAL B 41 -1.76 -16.94 -5.47
CA VAL B 41 -3.20 -16.69 -5.34
C VAL B 41 -3.95 -17.88 -4.76
N LEU B 42 -3.65 -19.07 -5.28
CA LEU B 42 -4.36 -20.24 -4.81
C LEU B 42 -3.99 -20.53 -3.34
N ASP B 43 -2.74 -20.24 -2.93
CA ASP B 43 -2.32 -20.47 -1.56
C ASP B 43 -2.98 -19.43 -0.67
N LEU B 44 -3.12 -18.20 -1.17
CA LEU B 44 -3.80 -17.14 -0.42
C LEU B 44 -5.27 -17.49 -0.21
N ILE B 45 -5.91 -18.00 -1.24
CA ILE B 45 -7.29 -18.40 -1.15
C ILE B 45 -7.47 -19.46 -0.07
N GLU B 46 -6.53 -20.41 -0.01
CA GLU B 46 -6.59 -21.45 1.02
C GLU B 46 -6.45 -20.86 2.42
N TYR B 47 -5.51 -19.94 2.63
CA TYR B 47 -5.39 -19.33 3.95
C TYR B 47 -6.68 -18.66 4.37
N LEU B 48 -7.29 -17.95 3.43
CA LEU B 48 -8.51 -17.22 3.73
C LEU B 48 -9.66 -18.19 3.98
N ARG B 49 -9.74 -19.25 3.18
CA ARG B 49 -10.82 -20.23 3.31
C ARG B 49 -10.73 -20.92 4.66
N ASP B 50 -9.52 -21.32 5.01
CA ASP B 50 -9.29 -22.03 6.27
C ASP B 50 -9.69 -21.14 7.46
N LYS B 51 -9.30 -19.87 7.44
CA LYS B 51 -9.65 -18.92 8.52
C LYS B 51 -11.09 -18.47 8.54
N MET B 52 -11.68 -18.27 7.36
CA MET B 52 -12.96 -17.58 7.24
C MET B 52 -14.17 -18.53 7.02
N GLY B 53 -13.91 -19.72 6.49
CA GLY B 53 -14.97 -20.71 6.36
C GLY B 53 -15.89 -20.62 5.15
N PHE B 54 -15.56 -19.77 4.17
CA PHE B 54 -16.36 -19.73 2.96
C PHE B 54 -16.04 -20.94 2.09
N VAL B 55 -16.90 -21.24 1.12
CA VAL B 55 -16.60 -22.26 0.14
C VAL B 55 -16.04 -21.55 -1.07
N ALA B 56 -14.81 -21.89 -1.43
CA ALA B 56 -14.18 -21.26 -2.59
C ALA B 56 -14.57 -21.93 -3.89
N ASP B 57 -15.22 -21.15 -4.76
CA ASP B 57 -15.54 -21.58 -6.13
C ASP B 57 -14.66 -20.77 -7.10
N VAL B 58 -13.49 -21.29 -7.38
CA VAL B 58 -12.49 -20.54 -8.15
C VAL B 58 -12.73 -20.67 -9.63
N GLN B 59 -12.80 -19.52 -10.29
CA GLN B 59 -13.17 -19.47 -11.69
C GLN B 59 -12.11 -18.70 -12.46
N LEU B 60 -11.40 -19.38 -13.36
CA LEU B 60 -10.36 -18.75 -14.13
C LEU B 60 -10.98 -17.93 -15.26
N ALA B 61 -10.49 -16.69 -15.44
CA ALA B 61 -10.98 -15.84 -16.53
C ALA B 61 -10.57 -16.40 -17.88
N PRO B 62 -11.43 -16.24 -18.89
CA PRO B 62 -11.14 -16.75 -20.22
C PRO B 62 -9.80 -16.25 -20.73
N PRO B 63 -9.22 -16.96 -21.70
CA PRO B 63 -7.96 -16.42 -22.22
C PRO B 63 -8.18 -15.04 -22.82
N ASN B 64 -7.15 -14.21 -22.69
CA ASN B 64 -7.11 -12.86 -23.26
C ASN B 64 -7.99 -11.84 -22.54
N THR B 65 -8.69 -12.27 -21.48
CA THR B 65 -9.38 -11.33 -20.59
C THR B 65 -8.35 -10.36 -20.07
N SER B 66 -8.65 -9.07 -20.12
CA SER B 66 -7.77 -8.06 -19.55
C SER B 66 -8.13 -7.85 -18.09
N TYR B 67 -7.27 -7.13 -17.38
CA TYR B 67 -7.52 -6.89 -15.98
C TYR B 67 -8.74 -5.97 -15.80
N THR B 68 -8.90 -4.94 -16.62
CA THR B 68 -10.13 -4.16 -16.54
CA THR B 68 -10.13 -4.17 -16.55
C THR B 68 -11.36 -5.01 -16.93
N GLY B 69 -11.17 -5.94 -17.86
CA GLY B 69 -12.26 -6.84 -18.21
C GLY B 69 -12.73 -7.73 -17.07
N LEU B 70 -11.78 -8.19 -16.29
CA LEU B 70 -12.10 -8.97 -15.09
C LEU B 70 -12.91 -8.11 -14.11
N VAL B 71 -12.46 -6.88 -13.92
CA VAL B 71 -13.16 -5.94 -13.03
C VAL B 71 -14.58 -5.69 -13.53
N LEU B 72 -14.72 -5.42 -14.82
CA LEU B 72 -16.06 -5.17 -15.39
C LEU B 72 -16.97 -6.40 -15.24
N ALA B 73 -16.41 -7.58 -15.38
CA ALA B 73 -17.15 -8.83 -15.25
C ALA B 73 -17.68 -8.96 -13.83
N LEU B 74 -16.82 -8.70 -12.84
CA LEU B 74 -17.26 -8.72 -11.46
C LEU B 74 -18.34 -7.68 -11.22
N ALA B 75 -18.14 -6.46 -11.72
CA ALA B 75 -19.16 -5.41 -11.53
C ALA B 75 -20.51 -5.80 -12.13
N ASN B 76 -20.47 -6.62 -13.17
CA ASN B 76 -21.68 -7.07 -13.84
C ASN B 76 -22.31 -8.28 -13.16
N GLY B 77 -21.64 -8.79 -12.13
CA GLY B 77 -22.17 -9.89 -11.32
C GLY B 77 -21.68 -11.28 -11.67
N ASP B 78 -20.61 -11.38 -12.46
CA ASP B 78 -20.09 -12.66 -12.91
C ASP B 78 -19.27 -13.37 -11.84
N TYR B 79 -18.75 -12.62 -10.89
CA TYR B 79 -17.96 -13.16 -9.79
C TYR B 79 -18.39 -12.40 -8.56
N ASP B 80 -18.09 -12.94 -7.37
CA ASP B 80 -18.34 -12.26 -6.13
C ASP B 80 -17.11 -11.46 -5.69
N ILE B 81 -15.92 -12.07 -5.77
CA ILE B 81 -14.68 -11.37 -5.58
C ILE B 81 -13.70 -11.79 -6.67
N ALA B 82 -12.63 -11.03 -6.80
CA ALA B 82 -11.55 -11.37 -7.73
C ALA B 82 -10.22 -11.16 -7.06
N ILE B 83 -9.35 -12.16 -7.14
CA ILE B 83 -8.05 -12.15 -6.46
C ILE B 83 -6.93 -12.37 -7.42
N GLY B 84 -5.93 -11.49 -7.36
CA GLY B 84 -4.87 -11.54 -8.33
C GLY B 84 -3.93 -10.36 -8.20
N ASP B 85 -3.03 -10.26 -9.18
CA ASP B 85 -2.15 -9.12 -9.32
C ASP B 85 -2.89 -7.98 -10.00
N ILE B 86 -3.88 -7.47 -9.27
CA ILE B 86 -4.85 -6.50 -9.80
C ILE B 86 -4.61 -5.14 -9.16
N THR B 87 -4.20 -4.16 -9.99
CA THR B 87 -3.82 -2.87 -9.48
C THR B 87 -5.06 -2.06 -9.07
N VAL B 88 -4.96 -1.40 -7.93
CA VAL B 88 -6.04 -0.51 -7.51
C VAL B 88 -5.92 0.82 -8.28
N THR B 89 -6.95 1.18 -9.05
CA THR B 89 -6.93 2.41 -9.83
C THR B 89 -8.19 3.20 -9.59
N SER B 90 -8.13 4.50 -9.85
N SER B 90 -8.14 4.50 -9.85
CA SER B 90 -9.26 5.39 -9.65
CA SER B 90 -9.29 5.38 -9.64
C SER B 90 -10.45 4.99 -10.53
C SER B 90 -10.47 4.99 -10.55
N ALA B 91 -10.18 4.69 -11.80
CA ALA B 91 -11.26 4.30 -12.71
C ALA B 91 -11.91 2.98 -12.28
N ARG B 92 -11.12 2.03 -11.77
CA ARG B 92 -11.72 0.81 -11.24
C ARG B 92 -12.49 1.06 -9.95
N ARG B 93 -11.94 1.91 -9.08
CA ARG B 93 -12.60 2.17 -7.81
C ARG B 93 -13.97 2.83 -8.00
N GLU B 94 -14.19 3.47 -9.16
CA GLU B 94 -15.51 4.03 -9.43
C GLU B 94 -16.61 2.94 -9.49
N ILE B 95 -16.26 1.73 -9.90
CA ILE B 95 -17.26 0.69 -10.12
C ILE B 95 -17.20 -0.55 -9.22
N VAL B 96 -16.09 -0.75 -8.49
CA VAL B 96 -15.93 -1.84 -7.55
C VAL B 96 -15.15 -1.30 -6.35
N ALA B 97 -15.19 -2.05 -5.26
CA ALA B 97 -14.39 -1.75 -4.11
C ALA B 97 -13.16 -2.63 -4.12
N PHE B 98 -12.17 -2.26 -3.32
CA PHE B 98 -11.00 -3.08 -3.14
C PHE B 98 -10.75 -3.30 -1.66
N SER B 99 -10.22 -4.47 -1.35
CA SER B 99 -9.76 -4.81 -0.01
C SER B 99 -8.54 -4.00 0.35
N ASN B 100 -8.14 -4.05 1.60
CA ASN B 100 -6.80 -3.59 1.96
C ASN B 100 -5.79 -4.25 1.05
N SER B 101 -4.74 -3.52 0.76
N SER B 101 -4.73 -3.51 0.78
CA SER B 101 -3.76 -4.01 -0.20
CA SER B 101 -3.68 -3.98 -0.12
C SER B 101 -3.09 -5.29 0.27
C SER B 101 -3.08 -5.31 0.30
N ILE B 102 -2.92 -6.21 -0.67
CA ILE B 102 -2.18 -7.43 -0.44
C ILE B 102 -0.70 -7.31 -0.84
N SER B 103 -0.31 -6.25 -1.52
CA SER B 103 1.08 -6.11 -1.97
C SER B 103 1.31 -4.70 -2.49
N ASP B 104 2.50 -4.16 -2.24
CA ASP B 104 2.90 -2.99 -3.00
C ASP B 104 3.20 -3.41 -4.43
N ASN B 105 3.37 -2.42 -5.30
CA ASN B 105 3.60 -2.70 -6.70
C ASN B 105 4.27 -1.48 -7.31
N SER B 106 4.96 -1.72 -8.42
CA SER B 106 5.46 -0.65 -9.30
C SER B 106 5.71 -1.34 -10.63
N MET B 107 6.03 -0.58 -11.66
CA MET B 107 6.25 -1.15 -12.99
C MET B 107 7.67 -0.89 -13.45
N ARG B 108 8.12 -1.73 -14.38
CA ARG B 108 9.40 -1.56 -15.04
C ARG B 108 9.24 -1.67 -16.54
N ILE B 109 10.24 -1.17 -17.25
CA ILE B 109 10.32 -1.26 -18.70
C ILE B 109 10.93 -2.58 -19.07
N LEU B 110 10.23 -3.31 -19.94
CA LEU B 110 10.60 -4.64 -20.40
C LEU B 110 11.06 -4.54 -21.85
N MET B 111 12.19 -5.16 -22.17
CA MET B 111 12.69 -5.13 -23.55
C MET B 111 13.52 -6.39 -23.84
N ARG B 112 13.85 -6.61 -25.11
CA ARG B 112 14.79 -7.65 -25.51
C ARG B 112 16.22 -7.21 -25.22
N LYS B 113 17.06 -8.10 -24.73
CA LYS B 113 18.45 -7.73 -24.48
C LYS B 113 19.07 -7.20 -25.79
N GLY B 114 19.89 -6.16 -25.72
CA GLY B 114 20.53 -5.62 -26.91
C GLY B 114 19.79 -4.45 -27.54
N THR B 115 18.59 -4.19 -27.05
CA THR B 115 17.86 -3.03 -27.48
C THR B 115 18.45 -1.78 -26.79
N LEU B 116 18.62 -0.70 -27.56
CA LEU B 116 19.31 0.48 -27.08
C LEU B 116 18.32 1.46 -26.43
N ILE B 117 17.87 1.09 -25.24
CA ILE B 117 16.98 1.91 -24.42
C ILE B 117 17.58 1.97 -23.03
N ASP B 118 17.73 3.19 -22.50
CA ASP B 118 18.33 3.40 -21.18
C ASP B 118 17.29 3.63 -20.09
N GLY B 119 16.09 4.00 -20.48
CA GLY B 119 15.05 4.26 -19.49
C GLY B 119 13.85 5.00 -20.06
N MET B 120 12.99 5.51 -19.17
CA MET B 120 11.74 6.10 -19.58
C MET B 120 11.96 7.38 -20.39
N ASP B 121 13.06 8.08 -20.14
CA ASP B 121 13.32 9.30 -20.90
C ASP B 121 13.35 9.02 -22.41
N ASP B 122 13.86 7.85 -22.80
CA ASP B 122 13.88 7.50 -24.21
C ASP B 122 12.48 7.41 -24.81
N LEU B 123 11.52 6.90 -24.03
CA LEU B 123 10.14 6.84 -24.52
C LEU B 123 9.47 8.20 -24.56
N LYS B 124 9.77 9.03 -23.58
CA LYS B 124 9.10 10.33 -23.45
C LYS B 124 9.72 11.33 -24.40
N ASN B 125 10.95 11.05 -24.86
CA ASN B 125 11.64 11.94 -25.77
C ASN B 125 11.51 11.53 -27.22
N GLY B 126 10.67 10.54 -27.51
CA GLY B 126 10.38 10.18 -28.88
C GLY B 126 11.43 9.34 -29.58
N LYS B 127 12.26 8.65 -28.80
CA LYS B 127 13.33 7.84 -29.39
C LYS B 127 12.81 6.54 -29.98
N ILE B 128 11.65 6.08 -29.49
CA ILE B 128 11.02 4.88 -30.00
C ILE B 128 9.72 5.27 -30.69
N PRO B 129 9.48 4.73 -31.92
CA PRO B 129 8.20 5.01 -32.59
C PRO B 129 7.06 4.60 -31.68
N TYR B 130 6.01 5.41 -31.53
CA TYR B 130 4.97 5.06 -30.58
C TYR B 130 4.37 3.69 -30.94
N ASN B 131 4.27 3.38 -32.22
CA ASN B 131 3.69 2.11 -32.64
C ASN B 131 4.61 0.91 -32.46
N ARG B 132 5.77 1.13 -31.87
CA ARG B 132 6.62 0.03 -31.45
C ARG B 132 6.76 -0.05 -29.94
N ILE B 133 5.95 0.73 -29.23
CA ILE B 133 5.79 0.54 -27.80
C ILE B 133 4.55 -0.34 -27.64
N GLY B 134 4.73 -1.56 -27.14
CA GLY B 134 3.62 -2.47 -26.93
C GLY B 134 2.93 -2.26 -25.58
N ILE B 135 1.60 -2.20 -25.56
CA ILE B 135 0.87 -1.97 -24.33
C ILE B 135 -0.32 -2.93 -24.25
N ARG B 136 -0.40 -3.70 -23.17
CA ARG B 136 -1.55 -4.55 -22.93
C ARG B 136 -2.78 -3.69 -22.57
N ILE B 137 -3.76 -3.72 -23.46
CA ILE B 137 -4.93 -2.91 -23.21
C ILE B 137 -5.66 -3.47 -21.98
N GLY B 138 -6.29 -2.56 -21.26
CA GLY B 138 -7.02 -2.93 -20.07
C GLY B 138 -6.14 -3.27 -18.91
N THR B 139 -4.96 -2.66 -18.86
CA THR B 139 -4.08 -2.77 -17.72
C THR B 139 -3.67 -1.39 -17.23
N ALA B 140 -3.14 -1.33 -16.03
CA ALA B 140 -2.69 -0.07 -15.44
C ALA B 140 -1.53 0.55 -16.24
N GLY B 141 -0.77 -0.29 -16.93
CA GLY B 141 0.27 0.17 -17.79
C GLY B 141 -0.30 1.03 -18.91
N GLU B 142 -1.46 0.66 -19.41
CA GLU B 142 -2.08 1.48 -20.44
C GLU B 142 -2.44 2.85 -19.87
N ASP B 143 -2.95 2.85 -18.64
CA ASP B 143 -3.30 4.11 -17.97
C ASP B 143 -2.08 5.00 -17.88
N TYR B 144 -0.96 4.44 -17.42
CA TYR B 144 0.27 5.19 -17.28
C TYR B 144 0.71 5.76 -18.62
N TYR B 145 0.69 4.92 -19.65
CA TYR B 145 1.07 5.33 -21.01
C TYR B 145 0.25 6.52 -21.46
N LEU B 146 -1.07 6.41 -21.38
CA LEU B 146 -1.95 7.49 -21.82
C LEU B 146 -1.71 8.77 -21.01
N ARG B 147 -1.45 8.67 -19.70
CA ARG B 147 -1.18 9.88 -18.90
C ARG B 147 0.17 10.53 -19.16
N GLU B 148 1.21 9.70 -19.29
CA GLU B 148 2.59 10.16 -19.12
C GLU B 148 3.39 10.22 -20.41
N ILE B 149 3.00 9.38 -21.36
CA ILE B 149 3.76 9.24 -22.58
C ILE B 149 3.10 9.97 -23.73
N SER B 150 1.83 9.67 -24.00
CA SER B 150 1.20 10.02 -25.27
C SER B 150 0.14 11.12 -25.19
N GLY B 151 0.03 11.77 -24.03
CA GLY B 151 -0.89 12.88 -23.87
C GLY B 151 -2.29 12.44 -24.22
N GLY B 152 -2.59 11.20 -23.88
CA GLY B 152 -3.93 10.67 -24.02
C GLY B 152 -4.25 9.94 -25.30
N SER B 153 -3.30 9.85 -26.23
CA SER B 153 -3.54 9.21 -27.52
C SER B 153 -3.23 7.71 -27.52
N ARG B 154 -4.13 6.88 -28.05
CA ARG B 154 -3.87 5.45 -28.15
C ARG B 154 -3.06 5.11 -29.40
N ASN B 155 -1.78 5.49 -29.37
CA ASN B 155 -0.91 5.26 -30.51
C ASN B 155 0.14 4.18 -30.29
N PHE B 156 -0.02 3.39 -29.23
CA PHE B 156 0.83 2.24 -28.94
C PHE B 156 0.47 1.05 -29.82
N TYR B 157 1.32 0.03 -29.81
CA TYR B 157 0.97 -1.25 -30.40
C TYR B 157 0.17 -2.06 -29.36
N PRO B 158 -1.13 -2.28 -29.61
CA PRO B 158 -1.97 -2.96 -28.62
C PRO B 158 -1.68 -4.45 -28.48
N LEU B 159 -1.72 -4.94 -27.24
CA LEU B 159 -1.42 -6.32 -26.93
C LEU B 159 -2.57 -6.91 -26.12
N LYS B 160 -2.92 -8.15 -26.41
CA LYS B 160 -4.09 -8.77 -25.82
C LYS B 160 -3.74 -9.63 -24.60
N SER B 161 -2.43 -9.93 -24.43
CA SER B 161 -2.00 -10.77 -23.32
C SER B 161 -0.50 -10.67 -23.08
N ARG B 162 -0.04 -11.20 -21.95
CA ARG B 162 1.39 -11.23 -21.67
C ARG B 162 2.06 -12.08 -22.75
N GLN B 163 1.42 -13.16 -23.15
CA GLN B 163 2.03 -14.00 -24.16
C GLN B 163 2.29 -13.20 -25.45
N GLU B 164 1.33 -12.42 -25.91
CA GLU B 164 1.56 -11.62 -27.11
C GLU B 164 2.71 -10.60 -26.88
N MET B 165 2.81 -10.07 -25.67
CA MET B 165 3.90 -9.14 -25.35
C MET B 165 5.26 -9.82 -25.51
N TYR B 166 5.41 -10.99 -24.93
CA TYR B 166 6.68 -11.68 -25.00
C TYR B 166 6.98 -12.05 -26.46
N ASP B 167 5.98 -12.55 -27.17
CA ASP B 167 6.23 -13.05 -28.53
C ASP B 167 6.61 -11.88 -29.43
N SER B 168 5.98 -10.74 -29.22
CA SER B 168 6.24 -9.57 -30.03
C SER B 168 7.62 -8.97 -29.80
N LEU B 169 8.03 -8.95 -28.55
CA LEU B 169 9.38 -8.47 -28.23
C LEU B 169 10.40 -9.41 -28.86
N LEU B 170 10.16 -10.71 -28.71
CA LEU B 170 11.15 -11.68 -29.17
C LEU B 170 11.27 -11.65 -30.69
N ALA B 171 10.17 -11.36 -31.36
CA ALA B 171 10.12 -11.28 -32.83
C ALA B 171 10.48 -9.89 -33.39
N GLY B 172 10.77 -8.93 -32.53
CA GLY B 172 11.15 -7.60 -32.97
C GLY B 172 10.02 -6.78 -33.57
N ILE B 173 8.79 -7.17 -33.27
CA ILE B 173 7.60 -6.43 -33.68
C ILE B 173 7.40 -5.16 -32.83
N ILE B 174 7.77 -5.25 -31.55
CA ILE B 174 7.80 -4.08 -30.69
C ILE B 174 9.14 -3.99 -30.03
N ASP B 175 9.51 -2.80 -29.59
CA ASP B 175 10.81 -2.60 -28.95
C ASP B 175 10.77 -2.68 -27.42
N VAL B 176 9.65 -2.30 -26.83
CA VAL B 176 9.55 -2.17 -25.39
C VAL B 176 8.11 -2.38 -24.94
N SER B 177 7.93 -2.74 -23.67
CA SER B 177 6.62 -2.72 -23.03
C SER B 177 6.81 -2.39 -21.55
N PHE B 178 5.71 -2.40 -20.80
CA PHE B 178 5.69 -2.14 -19.36
C PHE B 178 5.15 -3.37 -18.65
N MET B 179 5.69 -3.67 -17.46
CA MET B 179 5.21 -4.79 -16.68
C MET B 179 5.37 -4.56 -15.19
N ASP B 180 4.42 -5.05 -14.37
CA ASP B 180 4.55 -4.97 -12.91
C ASP B 180 5.85 -5.61 -12.47
N ILE B 181 6.46 -5.06 -11.43
CA ILE B 181 7.82 -5.44 -11.07
C ILE B 181 7.93 -6.89 -10.57
N GLY B 182 6.95 -7.35 -9.81
CA GLY B 182 7.03 -8.70 -9.26
C GLY B 182 7.08 -9.76 -10.35
N THR B 183 6.10 -9.74 -11.24
CA THR B 183 6.06 -10.71 -12.31
C THR B 183 7.14 -10.43 -13.35
N ALA B 184 7.53 -9.17 -13.52
CA ALA B 184 8.59 -8.84 -14.50
C ALA B 184 9.93 -9.45 -14.10
N GLU B 185 10.26 -9.32 -12.81
CA GLU B 185 11.44 -9.97 -12.27
C GLU B 185 11.29 -11.48 -12.41
N TYR B 186 10.11 -12.00 -12.07
CA TYR B 186 9.93 -13.45 -12.17
C TYR B 186 10.19 -13.96 -13.57
N VAL B 187 9.55 -13.34 -14.56
CA VAL B 187 9.61 -13.86 -15.93
C VAL B 187 11.00 -13.69 -16.57
N THR B 188 11.65 -12.57 -16.31
CA THR B 188 13.01 -12.35 -16.86
C THR B 188 14.10 -13.15 -16.12
N ASN B 189 13.81 -13.60 -14.91
CA ASN B 189 14.79 -14.35 -14.15
C ASN B 189 14.59 -15.85 -14.25
N ASN B 190 13.45 -16.28 -14.77
CA ASN B 190 13.09 -17.70 -14.80
C ASN B 190 12.59 -18.27 -16.12
N ILE B 191 12.04 -17.43 -16.98
CA ILE B 191 11.44 -17.91 -18.22
C ILE B 191 12.09 -17.34 -19.50
N TYR B 192 12.22 -16.01 -19.59
CA TYR B 192 12.74 -15.38 -20.77
C TYR B 192 14.08 -14.76 -20.46
N CYS B 193 15.12 -15.58 -20.53
CA CYS B 193 16.47 -15.14 -20.18
C CYS B 193 17.00 -14.12 -21.18
N ASN B 194 16.35 -14.02 -22.33
CA ASN B 194 16.77 -13.05 -23.34
C ASN B 194 15.96 -11.76 -23.31
N LEU B 195 15.00 -11.67 -22.40
CA LEU B 195 14.35 -10.39 -22.09
C LEU B 195 14.99 -9.78 -20.83
N THR B 196 14.85 -8.46 -20.67
CA THR B 196 15.45 -7.82 -19.54
C THR B 196 14.70 -6.57 -19.13
N LEU B 197 15.04 -6.02 -17.96
CA LEU B 197 14.35 -4.83 -17.44
C LEU B 197 15.34 -3.70 -17.42
N VAL B 198 14.85 -2.49 -17.66
CA VAL B 198 15.72 -1.32 -17.72
C VAL B 198 15.05 -0.12 -17.09
N GLY B 199 15.86 0.78 -16.55
CA GLY B 199 15.34 2.01 -16.01
C GLY B 199 14.86 1.90 -14.57
N GLU B 200 14.43 3.04 -14.03
CA GLU B 200 13.90 3.10 -12.67
C GLU B 200 12.49 2.56 -12.68
N ASP B 201 12.02 2.09 -11.55
CA ASP B 201 10.64 1.70 -11.53
C ASP B 201 9.73 2.92 -11.46
N PHE B 202 8.46 2.71 -11.75
CA PHE B 202 7.51 3.83 -11.92
C PHE B 202 6.10 3.37 -11.56
N ASP B 203 5.20 4.32 -11.38
CA ASP B 203 3.80 4.06 -11.06
C ASP B 203 3.64 3.23 -9.80
N LYS B 204 4.30 3.67 -8.74
CA LYS B 204 4.16 3.00 -7.44
C LYS B 204 2.66 2.90 -7.09
N SER B 205 2.21 1.69 -6.72
CA SER B 205 0.78 1.40 -6.61
C SER B 205 0.58 0.22 -5.65
N THR B 206 -0.61 -0.36 -5.65
CA THR B 206 -0.91 -1.48 -4.76
C THR B 206 -1.79 -2.46 -5.51
N PHE B 207 -1.79 -3.72 -5.05
CA PHE B 207 -2.74 -4.73 -5.52
C PHE B 207 -3.77 -4.93 -4.40
N GLY B 208 -5.01 -5.15 -4.78
CA GLY B 208 -6.08 -5.38 -3.83
C GLY B 208 -7.04 -6.43 -4.36
N ILE B 209 -7.77 -7.06 -3.46
CA ILE B 209 -8.86 -7.96 -3.85
C ILE B 209 -10.07 -7.12 -4.24
N VAL B 210 -10.65 -7.43 -5.39
CA VAL B 210 -11.79 -6.74 -5.91
C VAL B 210 -13.04 -7.30 -5.28
N THR B 211 -13.89 -6.43 -4.77
CA THR B 211 -15.18 -6.81 -4.25
C THR B 211 -16.27 -5.88 -4.81
N PRO B 212 -17.52 -6.27 -4.64
CA PRO B 212 -18.60 -5.33 -4.94
C PRO B 212 -18.53 -4.09 -4.05
N LYS B 213 -19.06 -2.99 -4.58
CA LYS B 213 -19.13 -1.78 -3.77
C LYS B 213 -20.12 -2.01 -2.65
N GLU B 214 -19.85 -1.40 -1.50
CA GLU B 214 -20.69 -1.48 -0.29
C GLU B 214 -21.00 -2.92 0.06
N TRP B 215 -19.95 -3.75 0.07
CA TRP B 215 -20.09 -5.19 0.23
C TRP B 215 -20.38 -5.57 1.68
N LEU B 216 -21.32 -6.50 1.86
CA LEU B 216 -21.70 -6.96 3.20
C LEU B 216 -20.50 -7.48 3.99
N TYR B 217 -19.54 -8.07 3.28
CA TYR B 217 -18.47 -8.83 3.92
C TYR B 217 -17.13 -8.07 3.96
N ALA B 218 -17.18 -6.76 3.70
CA ALA B 218 -15.97 -5.92 3.56
C ALA B 218 -15.05 -5.97 4.77
N LYS B 219 -15.60 -5.80 5.97
CA LYS B 219 -14.79 -5.82 7.17
C LYS B 219 -14.16 -7.19 7.42
N ASP B 220 -14.94 -8.26 7.28
CA ASP B 220 -14.42 -9.60 7.54
C ASP B 220 -13.19 -9.86 6.65
N LEU B 221 -13.31 -9.53 5.37
CA LEU B 221 -12.16 -9.77 4.48
C LEU B 221 -10.97 -8.89 4.84
N ASP B 222 -11.21 -7.61 5.08
CA ASP B 222 -10.12 -6.67 5.37
C ASP B 222 -9.37 -7.06 6.65
N VAL B 223 -10.11 -7.41 7.69
CA VAL B 223 -9.46 -7.79 8.95
C VAL B 223 -8.59 -9.02 8.74
N ASN B 224 -9.08 -9.96 7.96
CA ASN B 224 -8.30 -11.15 7.68
C ASN B 224 -7.05 -10.87 6.84
N ILE B 225 -7.15 -10.01 5.83
CA ILE B 225 -5.98 -9.68 5.03
C ILE B 225 -4.92 -9.00 5.88
N LEU B 226 -5.37 -8.08 6.72
CA LEU B 226 -4.45 -7.33 7.53
C LEU B 226 -3.76 -8.26 8.52
N SER B 227 -4.50 -9.26 9.00
N SER B 227 -4.51 -9.25 8.99
CA SER B 227 -3.93 -10.23 9.92
CA SER B 227 -3.95 -10.23 9.92
C SER B 227 -2.86 -11.07 9.21
C SER B 227 -2.88 -11.09 9.23
N LEU B 228 -3.12 -11.47 7.97
CA LEU B 228 -2.10 -12.20 7.20
C LEU B 228 -0.88 -11.33 6.98
N ARG B 229 -1.06 -10.03 6.76
CA ARG B 229 0.05 -9.12 6.58
C ARG B 229 0.87 -9.08 7.88
N GLU B 230 0.18 -8.85 8.99
CA GLU B 230 0.84 -8.59 10.27
C GLU B 230 1.61 -9.79 10.77
N THR B 231 1.07 -10.97 10.52
CA THR B 231 1.70 -12.19 10.99
C THR B 231 2.72 -12.77 10.00
N GLY B 232 3.00 -12.06 8.90
CA GLY B 232 4.04 -12.46 7.98
C GLY B 232 3.67 -13.51 6.93
N ILE B 233 2.40 -13.90 6.86
CA ILE B 233 1.96 -14.91 5.91
C ILE B 233 2.11 -14.43 4.46
N LEU B 234 1.73 -13.17 4.19
CA LEU B 234 1.89 -12.63 2.85
C LEU B 234 3.37 -12.58 2.45
N ASP B 235 4.25 -12.18 3.36
CA ASP B 235 5.70 -12.21 3.08
C ASP B 235 6.20 -13.60 2.75
N ASN B 236 5.74 -14.58 3.52
CA ASN B 236 6.11 -15.98 3.29
C ASN B 236 5.71 -16.46 1.92
N LEU B 237 4.50 -16.10 1.51
CA LEU B 237 3.95 -16.55 0.24
C LEU B 237 4.70 -15.91 -0.90
N LYS B 238 5.04 -14.63 -0.71
CA LYS B 238 5.83 -13.94 -1.71
C LYS B 238 7.18 -14.63 -1.86
N LYS B 239 7.85 -14.92 -0.74
CA LYS B 239 9.13 -15.62 -0.83
C LYS B 239 8.99 -16.98 -1.53
N LYS B 240 7.97 -17.73 -1.13
CA LYS B 240 7.74 -19.06 -1.67
C LYS B 240 7.63 -19.03 -3.18
N TRP B 241 6.87 -18.09 -3.72
CA TRP B 241 6.56 -18.12 -5.14
C TRP B 241 7.48 -17.27 -5.99
N PHE B 242 8.14 -16.29 -5.41
CA PHE B 242 8.92 -15.36 -6.22
C PHE B 242 10.44 -15.43 -6.04
N GLN B 243 10.90 -16.00 -4.93
CA GLN B 243 12.35 -15.96 -4.64
C GLN B 243 12.99 -17.12 -5.34
N THR B 244 13.05 -17.03 -6.65
CA THR B 244 13.66 -18.08 -7.42
C THR B 244 14.27 -17.47 -8.68
N LYS B 245 15.43 -17.98 -9.08
CA LYS B 245 16.02 -17.59 -10.34
C LYS B 245 16.67 -18.77 -11.04
N ALA B 246 16.34 -18.95 -12.30
CA ALA B 246 16.91 -20.02 -13.11
C ALA B 246 17.91 -19.50 -14.13
N CYS B 247 17.58 -18.40 -14.78
CA CYS B 247 18.42 -17.90 -15.86
C CYS B 247 19.85 -17.70 -15.35
N PRO B 248 20.84 -18.02 -16.18
CA PRO B 248 22.23 -17.90 -15.74
C PRO B 248 22.61 -16.45 -15.46
#